data_8AK4
#
_entry.id   8AK4
#
_cell.length_a   70.844
_cell.length_b   73.434
_cell.length_c   149.942
_cell.angle_alpha   90.000
_cell.angle_beta   90.000
_cell.angle_gamma   90.000
#
_symmetry.space_group_name_H-M   'P 21 2 21'
#
loop_
_entity.id
_entity.type
_entity.pdbx_description
1 polymer 'DNA ligase'
2 non-polymer 'MANGANESE (II) ION'
3 non-polymer 'ZINC ION'
#
_entity_poly.entity_id   1
_entity_poly.type   'polypeptide(L)'
_entity_poly.pdbx_seq_one_letter_code
;MRYPGRMTDAPPDPRARYLALRDEVALHNRAYYEQDAPTIPDDEYDRLARELRELEAAHPEFADDHSPVQTVGGAPSSAF
EPVTHPTQMTSLDNVFDDDELRDWQEKLARSLGLPLDTDDFTFTGELKIDGLSVNLYYLDGELQWAATRGNGRVGEIVTA
QVLTIPDIPQKLEGLKGELEVRGEVYLSRADFAAFNAQAEELGTPLLKNPRNGAAGALRQKDPEVTRTRHLKAILYAVGK
RDGVPARTQWEVLEWLSAQGFPTSRSSEHLRGIAAAADYHARMIRAHADFEFDADGTVLKLDSLSQQEEAGFTSRAPRWA
IAYKFPVEEVETVLESITVNVGRTGKLAPLAHLSPRLIEGSTVSKATLHNEDYIRDMDLRVGDTVLVRKSGGVIPQIMRV
LPDKRPADAAPFEFPTHCPVCGHEAVRAEGDANTYCPNPACPAQSFERIRYFVSRGAMDVRGIGEKLVTQLLHEGLIHDA
AGLYTLSAEQLAGLERGGEKKAGNILGQLEASKTKPLWRLINALGMSHVGQRNAQALARAFGTLEGLLAATPEQIEAVPG
LGGIIAQSVTASLADPAMRDLIARLQASGVAPQAEEVTRT
;
_entity_poly.pdbx_strand_id   A
#
loop_
_chem_comp.id
_chem_comp.type
_chem_comp.name
_chem_comp.formula
MN non-polymer 'MANGANESE (II) ION' 'Mn 2'
ZN non-polymer 'ZINC ION' 'Zn 2'
#
# COMPACT_ATOMS: atom_id res chain seq x y z
N GLU A 81 18.86 0.26 13.20
CA GLU A 81 19.86 -0.13 14.18
C GLU A 81 19.19 -0.89 15.34
N PRO A 82 19.75 -2.04 15.71
CA PRO A 82 19.11 -2.87 16.73
C PRO A 82 19.34 -2.36 18.14
N VAL A 83 18.34 -2.62 18.99
CA VAL A 83 18.42 -2.28 20.41
C VAL A 83 17.71 -3.37 21.20
N THR A 84 18.23 -3.67 22.38
CA THR A 84 17.65 -4.70 23.23
C THR A 84 16.51 -4.09 24.05
N HIS A 85 15.33 -4.70 23.96
CA HIS A 85 14.20 -4.23 24.73
C HIS A 85 14.52 -4.29 26.22
N PRO A 86 14.04 -3.33 27.02
CA PRO A 86 14.24 -3.40 28.47
C PRO A 86 13.62 -4.66 29.04
N THR A 87 12.30 -4.78 28.89
CA THR A 87 11.58 -6.01 29.18
C THR A 87 11.25 -6.71 27.86
N GLN A 88 11.37 -8.03 27.85
CA GLN A 88 11.14 -8.77 26.62
C GLN A 88 9.67 -8.71 26.22
N MET A 89 9.43 -8.48 24.93
CA MET A 89 8.08 -8.43 24.38
C MET A 89 7.63 -9.84 24.04
N THR A 90 6.84 -10.44 24.92
CA THR A 90 6.36 -11.80 24.69
C THR A 90 5.14 -11.78 23.77
N SER A 91 4.90 -12.93 23.13
CA SER A 91 3.74 -13.08 22.25
C SER A 91 2.50 -13.43 23.06
N LEU A 92 1.49 -13.99 22.39
CA LEU A 92 0.23 -14.35 23.04
C LEU A 92 -0.29 -15.65 22.46
N ASP A 93 -1.06 -16.38 23.27
CA ASP A 93 -1.76 -17.55 22.81
C ASP A 93 -3.02 -17.15 22.05
N ASN A 94 -3.60 -18.12 21.35
CA ASN A 94 -4.74 -17.86 20.47
C ASN A 94 -5.89 -18.80 20.82
N VAL A 95 -7.07 -18.22 21.01
CA VAL A 95 -8.31 -18.96 21.21
C VAL A 95 -9.23 -18.64 20.04
N PHE A 96 -9.93 -19.65 19.54
CA PHE A 96 -10.75 -19.49 18.34
C PHE A 96 -12.24 -19.66 18.56
N ASP A 97 -12.66 -20.52 19.49
CA ASP A 97 -14.07 -20.68 19.80
C ASP A 97 -14.27 -20.63 21.31
N ASP A 98 -15.53 -20.82 21.73
CA ASP A 98 -15.90 -20.62 23.12
C ASP A 98 -15.27 -21.68 24.03
N ASP A 99 -15.21 -22.92 23.57
CA ASP A 99 -14.67 -23.99 24.40
C ASP A 99 -13.19 -23.77 24.69
N GLU A 100 -12.44 -23.21 23.73
CA GLU A 100 -11.04 -22.92 23.96
C GLU A 100 -10.85 -21.74 24.90
N LEU A 101 -11.84 -20.85 24.98
CA LEU A 101 -11.78 -19.78 25.98
C LEU A 101 -12.11 -20.30 27.38
N ARG A 102 -12.93 -21.34 27.47
CA ARG A 102 -13.19 -21.97 28.76
C ARG A 102 -11.95 -22.70 29.27
N ASP A 103 -11.25 -23.42 28.38
CA ASP A 103 -9.98 -24.03 28.76
C ASP A 103 -8.95 -22.98 29.16
N TRP A 104 -9.05 -21.78 28.57
CA TRP A 104 -8.14 -20.70 28.94
C TRP A 104 -8.37 -20.24 30.37
N GLN A 105 -9.63 -20.07 30.78
CA GLN A 105 -9.90 -19.73 32.17
C GLN A 105 -9.56 -20.88 33.11
N GLU A 106 -9.75 -22.13 32.65
CA GLU A 106 -9.34 -23.28 33.46
C GLU A 106 -7.84 -23.30 33.65
N LYS A 107 -7.08 -23.02 32.59
CA LYS A 107 -5.63 -22.96 32.71
C LYS A 107 -5.19 -21.83 33.63
N LEU A 108 -5.90 -20.69 33.58
CA LEU A 108 -5.52 -19.55 34.39
C LEU A 108 -5.83 -19.79 35.87
N ALA A 109 -7.06 -20.24 36.16
CA ALA A 109 -7.41 -20.51 37.55
C ALA A 109 -6.54 -21.60 38.16
N ARG A 110 -6.08 -22.54 37.34
CA ARG A 110 -5.20 -23.60 37.82
C ARG A 110 -3.79 -23.08 38.07
N SER A 111 -3.32 -22.16 37.24
CA SER A 111 -1.98 -21.60 37.41
C SER A 111 -1.88 -20.74 38.65
N LEU A 112 -3.01 -20.28 39.19
CA LEU A 112 -3.02 -19.46 40.40
C LEU A 112 -3.42 -20.26 41.64
N GLY A 113 -3.76 -21.53 41.48
CA GLY A 113 -4.14 -22.33 42.63
C GLY A 113 -5.53 -22.05 43.16
N LEU A 114 -6.49 -21.75 42.29
CA LEU A 114 -7.85 -21.46 42.66
C LEU A 114 -8.76 -22.62 42.30
N PRO A 115 -9.93 -22.72 42.95
CA PRO A 115 -10.91 -23.71 42.50
C PRO A 115 -11.30 -23.47 41.05
N LEU A 116 -11.35 -24.56 40.27
CA LEU A 116 -11.53 -24.44 38.83
C LEU A 116 -12.87 -23.81 38.47
N ASP A 117 -13.86 -23.94 39.35
CA ASP A 117 -15.20 -23.40 39.09
C ASP A 117 -15.29 -22.03 39.75
N THR A 118 -14.68 -21.03 39.11
CA THR A 118 -14.70 -19.65 39.57
C THR A 118 -14.89 -18.73 38.37
N ASP A 119 -15.74 -17.71 38.56
CA ASP A 119 -15.99 -16.72 37.53
C ASP A 119 -15.76 -15.30 38.04
N ASP A 120 -15.03 -15.17 39.16
CA ASP A 120 -14.74 -13.86 39.76
C ASP A 120 -13.71 -13.06 38.99
N PHE A 121 -13.12 -13.63 37.94
CA PHE A 121 -12.01 -12.97 37.25
C PHE A 121 -12.46 -11.71 36.55
N THR A 122 -11.84 -10.59 36.87
CA THR A 122 -12.05 -9.33 36.16
C THR A 122 -11.04 -9.22 35.04
N PHE A 123 -11.50 -8.79 33.87
CA PHE A 123 -10.69 -8.77 32.66
C PHE A 123 -10.59 -7.35 32.10
N THR A 124 -9.86 -7.24 30.99
CA THR A 124 -9.75 -6.01 30.22
C THR A 124 -9.72 -6.39 28.76
N GLY A 125 -10.57 -5.75 27.95
CA GLY A 125 -10.70 -6.15 26.56
C GLY A 125 -10.30 -5.11 25.55
N GLU A 126 -9.15 -5.31 24.91
CA GLU A 126 -8.70 -4.46 23.81
C GLU A 126 -8.99 -5.16 22.49
N LEU A 127 -8.37 -4.68 21.40
CA LEU A 127 -8.55 -5.26 20.08
C LEU A 127 -7.19 -5.64 19.49
N LYS A 128 -7.14 -6.81 18.86
CA LYS A 128 -5.95 -7.24 18.13
C LYS A 128 -5.91 -6.48 16.81
N ILE A 129 -5.02 -5.50 16.71
CA ILE A 129 -4.95 -4.61 15.56
C ILE A 129 -4.00 -5.19 14.52
N ASP A 130 -4.40 -5.09 13.25
CA ASP A 130 -3.59 -5.57 12.13
C ASP A 130 -2.55 -4.51 11.80
N GLY A 131 -1.46 -4.53 12.55
CA GLY A 131 -0.38 -3.58 12.39
C GLY A 131 0.93 -4.16 12.90
N LEU A 132 1.83 -3.29 13.32
CA LEU A 132 3.14 -3.70 13.82
C LEU A 132 3.30 -3.25 15.26
N SER A 133 3.66 -4.18 16.14
CA SER A 133 3.87 -3.85 17.54
C SER A 133 5.13 -3.03 17.72
N VAL A 134 5.04 -1.98 18.52
CA VAL A 134 6.12 -1.03 18.71
C VAL A 134 6.24 -0.71 20.20
N ASN A 135 7.48 -0.59 20.68
CA ASN A 135 7.77 -0.33 22.08
C ASN A 135 8.45 1.03 22.23
N LEU A 136 8.02 1.79 23.23
CA LEU A 136 8.63 3.07 23.59
C LEU A 136 9.36 2.94 24.92
N TYR A 137 10.31 3.84 25.14
CA TYR A 137 11.16 3.80 26.34
C TYR A 137 11.40 5.21 26.83
N TYR A 138 10.88 5.51 28.03
CA TYR A 138 11.04 6.82 28.65
C TYR A 138 11.87 6.67 29.92
N LEU A 139 13.06 7.25 29.92
CA LEU A 139 13.93 7.26 31.08
C LEU A 139 13.85 8.63 31.76
N ASP A 140 13.59 8.63 33.07
CA ASP A 140 13.39 9.86 33.84
C ASP A 140 12.28 10.72 33.26
N GLY A 141 11.31 10.08 32.59
CA GLY A 141 10.17 10.74 32.01
C GLY A 141 10.37 11.20 30.58
N GLU A 142 11.61 11.43 30.16
CA GLU A 142 11.89 11.90 28.81
C GLU A 142 12.13 10.73 27.87
N LEU A 143 11.72 10.91 26.62
CA LEU A 143 11.78 9.83 25.64
C LEU A 143 13.22 9.55 25.22
N GLN A 144 13.53 8.27 25.05
CA GLN A 144 14.85 7.83 24.63
C GLN A 144 14.86 7.36 23.17
N TRP A 145 14.07 6.35 22.84
CA TRP A 145 14.01 5.84 21.47
C TRP A 145 12.70 5.11 21.28
N ALA A 146 12.38 4.85 20.01
CA ALA A 146 11.20 4.08 19.63
C ALA A 146 11.66 2.92 18.76
N ALA A 147 11.33 1.70 19.18
CA ALA A 147 11.80 0.50 18.50
C ALA A 147 10.63 -0.41 18.17
N THR A 148 10.87 -1.31 17.20
CA THR A 148 9.89 -2.31 16.81
C THR A 148 10.04 -3.55 17.69
N ARG A 149 9.18 -4.54 17.45
CA ARG A 149 9.24 -5.76 18.26
C ARG A 149 10.45 -6.61 17.90
N GLY A 150 10.76 -6.74 16.61
CA GLY A 150 11.88 -7.55 16.18
C GLY A 150 11.67 -9.03 16.42
N ASN A 151 12.31 -9.56 17.46
CA ASN A 151 12.21 -10.98 17.81
C ASN A 151 11.72 -11.17 19.24
N GLY A 152 11.18 -10.12 19.85
CA GLY A 152 10.72 -10.16 21.21
C GLY A 152 11.74 -9.72 22.25
N ARG A 153 13.01 -9.60 21.86
CA ARG A 153 14.05 -9.12 22.77
C ARG A 153 14.87 -7.98 22.18
N VAL A 154 15.18 -8.03 20.89
CA VAL A 154 15.99 -7.01 20.22
C VAL A 154 15.17 -6.46 19.06
N GLY A 155 14.77 -5.19 19.15
CA GLY A 155 14.02 -4.54 18.11
C GLY A 155 14.90 -3.66 17.23
N GLU A 156 14.23 -2.92 16.35
CA GLU A 156 14.89 -2.01 15.41
C GLU A 156 14.48 -0.58 15.73
N ILE A 157 15.46 0.30 15.90
CA ILE A 157 15.20 1.68 16.32
C ILE A 157 14.58 2.43 15.14
N VAL A 158 13.32 2.83 15.28
CA VAL A 158 12.64 3.69 14.32
C VAL A 158 12.28 4.99 15.03
N THR A 159 13.30 5.66 15.60
CA THR A 159 13.04 6.78 16.50
C THR A 159 12.43 7.97 15.76
N ALA A 160 12.85 8.22 14.52
CA ALA A 160 12.38 9.40 13.81
C ALA A 160 11.02 9.16 13.16
N GLN A 161 10.76 7.95 12.67
CA GLN A 161 9.51 7.70 11.97
C GLN A 161 8.33 7.61 12.94
N VAL A 162 8.55 7.11 14.15
CA VAL A 162 7.48 7.04 15.12
C VAL A 162 7.09 8.43 15.59
N LEU A 163 8.01 9.39 15.54
CA LEU A 163 7.68 10.77 15.92
C LEU A 163 6.89 11.50 14.83
N THR A 164 6.83 10.97 13.61
CA THR A 164 5.93 11.54 12.62
C THR A 164 4.48 11.22 12.96
N ILE A 165 4.26 10.11 13.66
CA ILE A 165 2.92 9.78 14.19
C ILE A 165 2.45 10.92 15.07
N PRO A 166 1.19 11.36 14.97
CA PRO A 166 0.77 12.62 15.63
C PRO A 166 0.97 12.66 17.15
N ASP A 167 -0.01 12.16 17.90
CA ASP A 167 -0.08 12.42 19.35
C ASP A 167 0.90 11.53 20.13
N ILE A 168 2.18 11.67 19.80
CA ILE A 168 3.25 10.94 20.47
C ILE A 168 3.99 11.90 21.40
N PRO A 169 3.91 11.73 22.72
CA PRO A 169 4.64 12.62 23.62
C PRO A 169 6.10 12.23 23.72
N GLN A 170 6.90 13.17 24.25
CA GLN A 170 8.33 12.97 24.41
C GLN A 170 8.84 13.36 25.79
N LYS A 171 7.97 13.82 26.69
CA LYS A 171 8.42 14.28 28.00
C LYS A 171 7.24 14.21 28.96
N LEU A 172 7.38 13.43 30.03
CA LEU A 172 6.35 13.30 31.06
C LEU A 172 6.89 13.88 32.36
N GLU A 173 6.14 14.80 32.95
CA GLU A 173 6.57 15.49 34.15
C GLU A 173 6.16 14.71 35.40
N GLY A 174 6.88 14.96 36.49
CA GLY A 174 6.63 14.25 37.73
C GLY A 174 6.95 12.77 37.68
N LEU A 175 7.68 12.32 36.66
CA LEU A 175 7.98 10.91 36.47
C LEU A 175 9.49 10.72 36.46
N LYS A 176 9.98 9.79 37.28
CA LYS A 176 11.39 9.44 37.32
C LYS A 176 11.50 7.93 37.39
N GLY A 177 12.25 7.35 36.46
CA GLY A 177 12.40 5.91 36.36
C GLY A 177 12.17 5.42 34.95
N GLU A 178 12.53 4.15 34.75
CA GLU A 178 12.40 3.53 33.43
C GLU A 178 10.94 3.25 33.14
N LEU A 179 10.41 3.92 32.11
CA LEU A 179 9.06 3.70 31.62
C LEU A 179 9.13 3.00 30.27
N GLU A 180 8.31 1.96 30.08
CA GLU A 180 8.32 1.15 28.86
C GLU A 180 6.87 0.98 28.40
N VAL A 181 6.43 1.87 27.51
CA VAL A 181 5.07 1.84 26.98
C VAL A 181 5.06 0.98 25.72
N ARG A 182 4.12 0.04 25.65
CA ARG A 182 3.95 -0.83 24.50
C ARG A 182 2.72 -0.41 23.70
N GLY A 183 2.73 -0.77 22.41
CA GLY A 183 1.61 -0.40 21.56
C GLY A 183 1.56 -1.14 20.24
N GLU A 184 1.01 -0.47 19.22
CA GLU A 184 0.80 -1.07 17.91
C GLU A 184 0.58 0.05 16.90
N VAL A 185 1.42 0.08 15.85
CA VAL A 185 1.29 1.07 14.79
C VAL A 185 0.54 0.44 13.64
N TYR A 186 -0.65 0.96 13.36
CA TYR A 186 -1.52 0.43 12.32
C TYR A 186 -1.58 1.39 11.14
N LEU A 187 -2.44 1.08 10.19
CA LEU A 187 -2.63 1.90 9.00
C LEU A 187 -4.12 1.92 8.66
N SER A 188 -4.62 3.09 8.30
CA SER A 188 -6.05 3.24 8.02
C SER A 188 -6.46 2.37 6.84
N ARG A 189 -7.69 1.88 6.90
CA ARG A 189 -8.19 0.98 5.85
C ARG A 189 -8.28 1.70 4.51
N ALA A 190 -8.65 2.98 4.52
CA ALA A 190 -8.72 3.74 3.27
C ALA A 190 -7.33 4.12 2.78
N ASP A 191 -6.45 4.53 3.68
CA ASP A 191 -5.06 4.78 3.29
C ASP A 191 -4.39 3.52 2.80
N PHE A 192 -4.85 2.34 3.25
CA PHE A 192 -4.28 1.07 2.82
C PHE A 192 -4.79 0.66 1.44
N ALA A 193 -6.09 0.79 1.19
CA ALA A 193 -6.64 0.40 -0.10
C ALA A 193 -6.19 1.36 -1.20
N ALA A 194 -6.05 2.65 -0.87
CA ALA A 194 -5.61 3.62 -1.87
C ALA A 194 -4.18 3.37 -2.31
N PHE A 195 -3.38 2.74 -1.45
CA PHE A 195 -2.00 2.43 -1.83
C PHE A 195 -1.95 1.31 -2.86
N ASN A 196 -2.66 0.21 -2.59
CA ASN A 196 -2.64 -0.91 -3.53
C ASN A 196 -3.34 -0.55 -4.84
N ALA A 197 -4.39 0.27 -4.79
CA ALA A 197 -5.00 0.75 -6.01
C ALA A 197 -4.03 1.61 -6.81
N GLN A 198 -3.25 2.45 -6.13
CA GLN A 198 -2.16 3.16 -6.77
C GLN A 198 -1.15 2.17 -7.38
N ALA A 199 -0.85 1.09 -6.65
CA ALA A 199 0.09 0.09 -7.13
C ALA A 199 -0.52 -0.82 -8.19
N GLU A 200 -1.85 -0.86 -8.30
CA GLU A 200 -2.48 -1.75 -9.26
C GLU A 200 -2.32 -1.23 -10.68
N GLU A 201 -2.72 0.01 -10.93
CA GLU A 201 -2.64 0.57 -12.27
C GLU A 201 -1.25 1.09 -12.61
N LEU A 202 -0.28 0.97 -11.70
CA LEU A 202 1.08 1.42 -11.95
C LEU A 202 2.08 0.28 -12.11
N GLY A 203 1.84 -0.87 -11.49
CA GLY A 203 2.77 -1.98 -11.53
C GLY A 203 3.80 -1.99 -10.43
N THR A 204 3.93 -0.90 -9.67
CA THR A 204 4.83 -0.87 -8.54
C THR A 204 4.39 -1.90 -7.49
N PRO A 205 5.31 -2.41 -6.68
CA PRO A 205 4.95 -3.45 -5.70
C PRO A 205 3.73 -3.08 -4.86
N LEU A 206 3.01 -4.12 -4.44
CA LEU A 206 1.72 -4.01 -3.78
C LEU A 206 1.82 -4.53 -2.34
N LEU A 207 0.94 -4.02 -1.48
CA LEU A 207 0.95 -4.39 -0.07
C LEU A 207 0.23 -5.72 0.16
N LYS A 208 0.90 -6.63 0.87
CA LYS A 208 0.29 -7.93 1.14
C LYS A 208 -0.85 -7.82 2.15
N ASN A 209 -0.56 -7.28 3.32
CA ASN A 209 -1.55 -7.18 4.39
C ASN A 209 -1.24 -5.95 5.21
N PRO A 210 -2.16 -5.52 6.07
CA PRO A 210 -1.91 -4.31 6.88
C PRO A 210 -0.63 -4.34 7.71
N ARG A 211 -0.14 -5.52 8.10
CA ARG A 211 1.10 -5.57 8.87
C ARG A 211 2.29 -5.15 8.03
N ASN A 212 2.38 -5.65 6.80
CA ASN A 212 3.46 -5.26 5.92
C ASN A 212 3.34 -3.80 5.50
N GLY A 213 2.12 -3.28 5.43
CA GLY A 213 1.95 -1.87 5.11
C GLY A 213 2.44 -0.96 6.21
N ALA A 214 2.16 -1.32 7.47
CA ALA A 214 2.67 -0.54 8.60
C ALA A 214 4.18 -0.66 8.70
N ALA A 215 4.72 -1.87 8.49
CA ALA A 215 6.16 -2.05 8.51
C ALA A 215 6.82 -1.35 7.32
N GLY A 216 6.16 -1.37 6.16
CA GLY A 216 6.69 -0.65 5.01
C GLY A 216 6.72 0.85 5.19
N ALA A 217 5.83 1.37 6.04
CA ALA A 217 5.83 2.80 6.33
C ALA A 217 6.87 3.16 7.39
N LEU A 218 6.99 2.33 8.43
CA LEU A 218 7.97 2.58 9.47
C LEU A 218 9.39 2.44 8.93
N ARG A 219 9.71 1.27 8.36
CA ARG A 219 11.06 1.01 7.88
C ARG A 219 11.36 1.80 6.61
N GLN A 220 11.49 3.12 6.73
CA GLN A 220 11.85 4.00 5.64
C GLN A 220 12.94 4.95 6.11
N LYS A 221 14.00 5.08 5.32
CA LYS A 221 15.13 5.91 5.73
C LYS A 221 14.73 7.37 5.86
N ASP A 222 13.78 7.83 5.06
CA ASP A 222 13.33 9.22 5.11
C ASP A 222 12.05 9.29 5.92
N PRO A 223 12.04 9.98 7.07
CA PRO A 223 10.81 10.07 7.86
C PRO A 223 9.69 10.81 7.16
N GLU A 224 9.99 11.66 6.17
CA GLU A 224 8.94 12.34 5.44
C GLU A 224 8.07 11.38 4.66
N VAL A 225 8.63 10.23 4.25
CA VAL A 225 7.82 9.20 3.61
C VAL A 225 6.78 8.67 4.59
N THR A 226 7.18 8.45 5.84
CA THR A 226 6.24 7.98 6.85
C THR A 226 5.20 9.05 7.18
N ARG A 227 5.62 10.32 7.21
CA ARG A 227 4.69 11.40 7.51
C ARG A 227 3.63 11.53 6.42
N THR A 228 4.00 11.28 5.16
CA THR A 228 3.08 11.38 4.04
C THR A 228 2.25 10.12 3.85
N ARG A 229 2.19 9.24 4.86
CA ARG A 229 1.36 8.04 4.79
C ARG A 229 0.28 8.01 5.85
N HIS A 230 0.17 9.04 6.69
CA HIS A 230 -0.84 9.10 7.75
C HIS A 230 -0.72 7.89 8.69
N LEU A 231 0.48 7.67 9.21
CA LEU A 231 0.71 6.56 10.12
C LEU A 231 0.07 6.85 11.47
N LYS A 232 -0.92 6.05 11.84
CA LYS A 232 -1.62 6.18 13.11
C LYS A 232 -1.26 5.01 14.01
N ALA A 233 -1.15 5.28 15.31
CA ALA A 233 -0.68 4.29 16.26
C ALA A 233 -1.53 4.30 17.52
N ILE A 234 -1.61 3.14 18.17
CA ILE A 234 -2.33 2.96 19.43
C ILE A 234 -1.40 2.27 20.43
N LEU A 235 -1.51 2.67 21.69
CA LEU A 235 -0.73 2.07 22.78
C LEU A 235 -1.68 1.48 23.81
N TYR A 236 -1.49 0.20 24.13
CA TYR A 236 -2.48 -0.50 24.96
C TYR A 236 -1.86 -1.35 26.07
N ALA A 237 -0.62 -1.08 26.47
CA ALA A 237 0.01 -1.85 27.54
C ALA A 237 1.24 -1.10 28.02
N VAL A 238 1.76 -1.53 29.17
CA VAL A 238 3.00 -1.00 29.72
C VAL A 238 3.76 -2.16 30.36
N GLY A 239 5.08 -2.13 30.26
CA GLY A 239 5.91 -3.17 30.84
C GLY A 239 6.69 -2.67 32.03
N LYS A 240 7.95 -2.29 31.80
CA LYS A 240 8.76 -1.67 32.85
C LYS A 240 8.10 -0.39 33.31
N ARG A 241 7.48 -0.42 34.49
CA ARG A 241 6.63 0.67 34.94
C ARG A 241 7.19 1.36 36.18
N ASP A 242 8.47 1.74 36.15
CA ASP A 242 9.07 2.47 37.27
C ASP A 242 8.45 3.86 37.34
N GLY A 243 7.69 4.11 38.40
CA GLY A 243 7.06 5.41 38.59
C GLY A 243 5.64 5.52 38.08
N VAL A 244 4.96 4.41 37.87
CA VAL A 244 3.58 4.40 37.40
C VAL A 244 2.69 3.92 38.54
N PRO A 245 1.76 4.74 39.03
CA PRO A 245 0.93 4.34 40.18
C PRO A 245 -0.21 3.40 39.82
N ALA A 246 -0.32 2.96 38.56
CA ALA A 246 -1.40 2.07 38.18
C ALA A 246 -1.20 0.69 38.79
N ARG A 247 -2.27 0.14 39.35
CA ARG A 247 -2.23 -1.16 40.00
C ARG A 247 -3.14 -2.18 39.33
N THR A 248 -3.88 -1.80 38.30
CA THR A 248 -4.68 -2.71 37.51
C THR A 248 -4.64 -2.27 36.05
N GLN A 249 -4.88 -3.23 35.15
CA GLN A 249 -4.75 -2.94 33.72
C GLN A 249 -5.74 -1.86 33.28
N TRP A 250 -6.91 -1.80 33.90
CA TRP A 250 -7.87 -0.75 33.56
C TRP A 250 -7.33 0.63 33.94
N GLU A 251 -6.70 0.73 35.11
CA GLU A 251 -6.06 1.98 35.49
C GLU A 251 -4.80 2.26 34.67
N VAL A 252 -4.21 1.23 34.06
CA VAL A 252 -3.10 1.45 33.14
C VAL A 252 -3.58 2.22 31.92
N LEU A 253 -4.71 1.80 31.36
CA LEU A 253 -5.26 2.50 30.19
C LEU A 253 -5.71 3.91 30.56
N GLU A 254 -6.29 4.08 31.75
CA GLU A 254 -6.68 5.41 32.20
C GLU A 254 -5.44 6.30 32.36
N TRP A 255 -4.37 5.76 32.94
CA TRP A 255 -3.15 6.54 33.11
C TRP A 255 -2.50 6.85 31.78
N LEU A 256 -2.59 5.93 30.81
CA LEU A 256 -2.03 6.19 29.49
C LEU A 256 -2.75 7.35 28.80
N SER A 257 -4.08 7.29 28.74
CA SER A 257 -4.84 8.35 28.10
C SER A 257 -4.74 9.67 28.89
N ALA A 258 -4.51 9.59 30.20
CA ALA A 258 -4.38 10.79 30.99
C ALA A 258 -3.08 11.51 30.68
N GLN A 259 -2.00 10.77 30.43
CA GLN A 259 -0.71 11.36 30.07
C GLN A 259 -0.69 11.90 28.65
N GLY A 260 -1.74 11.73 27.87
CA GLY A 260 -1.79 12.22 26.52
C GLY A 260 -1.45 11.20 25.44
N PHE A 261 -1.52 9.91 25.76
CA PHE A 261 -1.22 8.88 24.77
C PHE A 261 -2.44 8.57 23.92
N PRO A 262 -2.22 8.19 22.66
CA PRO A 262 -3.33 7.73 21.81
C PRO A 262 -3.75 6.33 22.19
N THR A 263 -4.96 6.22 22.75
CA THR A 263 -5.48 4.96 23.25
C THR A 263 -6.60 4.46 22.36
N SER A 264 -7.03 3.23 22.62
CA SER A 264 -8.11 2.62 21.85
C SER A 264 -9.45 3.16 22.32
N ARG A 265 -10.28 3.60 21.36
CA ARG A 265 -11.63 4.04 21.69
C ARG A 265 -12.44 2.92 22.30
N SER A 266 -12.28 1.70 21.79
CA SER A 266 -13.03 0.53 22.25
C SER A 266 -12.15 -0.31 23.15
N SER A 267 -12.34 -0.17 24.46
CA SER A 267 -11.66 -0.99 25.45
C SER A 267 -12.53 -1.03 26.69
N GLU A 268 -12.97 -2.23 27.09
CA GLU A 268 -14.00 -2.38 28.11
C GLU A 268 -13.45 -3.08 29.34
N HIS A 269 -14.03 -2.73 30.49
CA HIS A 269 -13.68 -3.30 31.79
C HIS A 269 -14.66 -4.44 32.04
N LEU A 270 -14.23 -5.67 31.75
CA LEU A 270 -15.10 -6.83 31.79
C LEU A 270 -14.94 -7.59 33.10
N ARG A 271 -16.00 -8.33 33.46
CA ARG A 271 -16.01 -9.16 34.66
C ARG A 271 -16.70 -10.47 34.33
N GLY A 272 -15.97 -11.57 34.42
CA GLY A 272 -16.52 -12.87 34.13
C GLY A 272 -16.25 -13.32 32.71
N ILE A 273 -16.10 -14.63 32.53
CA ILE A 273 -15.81 -15.18 31.21
C ILE A 273 -17.00 -15.03 30.28
N ALA A 274 -18.22 -14.89 30.82
CA ALA A 274 -19.39 -14.71 29.98
C ALA A 274 -19.42 -13.31 29.37
N ALA A 275 -19.06 -12.30 30.17
CA ALA A 275 -19.00 -10.94 29.64
C ALA A 275 -17.85 -10.78 28.65
N ALA A 276 -16.79 -11.57 28.81
CA ALA A 276 -15.69 -11.51 27.85
C ALA A 276 -16.11 -12.07 26.49
N ALA A 277 -16.79 -13.22 26.49
CA ALA A 277 -17.29 -13.78 25.24
C ALA A 277 -18.33 -12.87 24.60
N ASP A 278 -19.15 -12.20 25.42
CA ASP A 278 -20.09 -11.23 24.87
C ASP A 278 -19.37 -10.06 24.23
N TYR A 279 -18.32 -9.56 24.88
CA TYR A 279 -17.53 -8.47 24.31
C TYR A 279 -16.89 -8.91 22.99
N HIS A 280 -16.32 -10.12 22.96
CA HIS A 280 -15.71 -10.61 21.73
C HIS A 280 -16.73 -10.71 20.60
N ALA A 281 -17.96 -11.12 20.93
CA ALA A 281 -18.99 -11.24 19.91
C ALA A 281 -19.42 -9.87 19.39
N ARG A 282 -19.49 -8.87 20.28
CA ARG A 282 -19.89 -7.53 19.86
C ARG A 282 -18.83 -6.88 18.99
N MET A 283 -17.55 -7.21 19.21
CA MET A 283 -16.50 -6.73 18.31
C MET A 283 -16.50 -7.48 17.00
N ILE A 284 -17.00 -8.72 16.99
CA ILE A 284 -17.16 -9.45 15.73
C ILE A 284 -18.18 -8.75 14.86
N ARG A 285 -19.34 -8.40 15.42
CA ARG A 285 -20.39 -7.72 14.71
C ARG A 285 -20.11 -6.22 14.55
N ALA A 286 -18.92 -5.77 14.92
CA ALA A 286 -18.45 -4.42 14.61
C ALA A 286 -17.15 -4.46 13.81
N HIS A 287 -16.75 -5.64 13.32
CA HIS A 287 -15.48 -5.78 12.61
C HIS A 287 -15.45 -4.93 11.35
N ALA A 288 -16.56 -4.89 10.60
CA ALA A 288 -16.58 -4.16 9.35
C ALA A 288 -16.74 -2.65 9.55
N ASP A 289 -17.31 -2.24 10.68
CA ASP A 289 -17.57 -0.81 10.93
C ASP A 289 -16.44 -0.15 11.71
N PHE A 290 -15.21 -0.35 11.24
CA PHE A 290 -14.02 0.25 11.84
C PHE A 290 -13.23 1.00 10.78
N GLU A 291 -12.39 1.92 11.24
CA GLU A 291 -11.45 2.62 10.38
C GLU A 291 -10.10 1.89 10.29
N PHE A 292 -10.01 0.69 10.85
CA PHE A 292 -8.77 -0.05 10.93
C PHE A 292 -9.08 -1.52 11.07
N ASP A 293 -8.23 -2.36 10.50
CA ASP A 293 -8.47 -3.80 10.52
C ASP A 293 -8.19 -4.36 11.92
N ALA A 294 -9.19 -4.99 12.51
CA ALA A 294 -9.06 -5.68 13.79
C ALA A 294 -9.33 -7.16 13.55
N ASP A 295 -8.30 -7.98 13.69
CA ASP A 295 -8.40 -9.42 13.44
C ASP A 295 -8.48 -10.20 14.76
N GLY A 296 -9.34 -9.73 15.67
CA GLY A 296 -9.52 -10.39 16.94
C GLY A 296 -9.54 -9.45 18.12
N THR A 297 -9.68 -10.00 19.33
CA THR A 297 -9.69 -9.24 20.56
C THR A 297 -8.60 -9.74 21.49
N VAL A 298 -8.21 -8.88 22.43
CA VAL A 298 -7.16 -9.20 23.40
C VAL A 298 -7.78 -9.14 24.79
N LEU A 299 -7.67 -10.25 25.53
CA LEU A 299 -8.21 -10.36 26.88
C LEU A 299 -7.07 -10.44 27.88
N LYS A 300 -6.99 -9.46 28.78
CA LYS A 300 -5.98 -9.42 29.82
C LYS A 300 -6.62 -9.56 31.19
N LEU A 301 -5.87 -10.11 32.14
CA LEU A 301 -6.31 -10.18 33.52
C LEU A 301 -6.17 -8.82 34.18
N ASP A 302 -7.21 -8.39 34.90
CA ASP A 302 -7.27 -7.02 35.36
C ASP A 302 -6.21 -6.73 36.42
N SER A 303 -6.14 -7.57 37.45
CA SER A 303 -5.23 -7.31 38.57
C SER A 303 -3.79 -7.56 38.17
N LEU A 304 -2.94 -6.53 38.33
CA LEU A 304 -1.52 -6.70 38.04
C LEU A 304 -0.84 -7.63 39.03
N SER A 305 -1.33 -7.68 40.27
CA SER A 305 -0.77 -8.59 41.26
C SER A 305 -0.98 -10.04 40.85
N GLN A 306 -2.05 -10.32 40.10
CA GLN A 306 -2.25 -11.66 39.57
C GLN A 306 -1.47 -11.89 38.28
N GLN A 307 -1.25 -10.83 37.50
CA GLN A 307 -0.44 -10.95 36.29
C GLN A 307 0.99 -11.35 36.63
N GLU A 308 1.59 -10.68 37.60
CA GLU A 308 2.96 -10.98 38.01
C GLU A 308 3.00 -12.21 38.91
N GLU A 309 2.11 -13.17 38.64
CA GLU A 309 2.05 -14.41 39.41
C GLU A 309 1.73 -15.59 38.50
N ALA A 310 0.77 -15.42 37.60
CA ALA A 310 0.42 -16.49 36.67
C ALA A 310 1.59 -16.88 35.79
N GLY A 311 2.45 -15.93 35.45
CA GLY A 311 3.66 -16.22 34.73
C GLY A 311 3.43 -16.50 33.25
N PHE A 312 4.52 -16.89 32.60
CA PHE A 312 4.53 -17.18 31.17
C PHE A 312 4.64 -18.68 30.94
N THR A 313 4.12 -19.13 29.81
CA THR A 313 4.27 -20.52 29.39
C THR A 313 5.69 -20.74 28.88
N SER A 314 5.99 -20.17 27.72
CA SER A 314 7.32 -20.22 27.13
C SER A 314 7.47 -19.05 26.16
N ARG A 315 6.51 -18.92 25.24
CA ARG A 315 6.44 -17.80 24.32
C ARG A 315 5.33 -16.82 24.67
N ALA A 316 4.31 -17.25 25.41
CA ALA A 316 3.16 -16.44 25.75
C ALA A 316 2.86 -16.53 27.24
N PRO A 317 2.27 -15.49 27.82
CA PRO A 317 1.93 -15.53 29.25
C PRO A 317 0.64 -16.31 29.50
N ARG A 318 0.40 -16.60 30.77
CA ARG A 318 -0.79 -17.31 31.21
C ARG A 318 -1.89 -16.37 31.71
N TRP A 319 -1.67 -15.07 31.65
CA TRP A 319 -2.64 -14.10 32.15
C TRP A 319 -3.24 -13.24 31.06
N ALA A 320 -2.82 -13.42 29.81
CA ALA A 320 -3.40 -12.69 28.69
C ALA A 320 -3.46 -13.61 27.48
N ILE A 321 -4.44 -13.36 26.61
CA ILE A 321 -4.68 -14.21 25.45
C ILE A 321 -5.36 -13.39 24.37
N ALA A 322 -5.26 -13.87 23.13
CA ALA A 322 -5.85 -13.23 21.96
C ALA A 322 -6.96 -14.11 21.42
N TYR A 323 -8.16 -13.54 21.30
CA TYR A 323 -9.33 -14.24 20.78
C TYR A 323 -9.53 -13.78 19.34
N LYS A 324 -9.15 -14.62 18.39
CA LYS A 324 -9.19 -14.25 16.98
C LYS A 324 -10.63 -14.29 16.44
N PHE A 325 -10.89 -13.41 15.48
CA PHE A 325 -12.17 -13.38 14.81
C PHE A 325 -12.29 -14.57 13.86
N PRO A 326 -13.51 -14.95 13.49
CA PRO A 326 -13.68 -16.03 12.51
C PRO A 326 -13.29 -15.56 11.11
N VAL A 327 -12.93 -16.55 10.29
CA VAL A 327 -12.52 -16.25 8.92
C VAL A 327 -13.72 -15.79 8.11
N GLU A 328 -13.46 -14.93 7.12
CA GLU A 328 -14.50 -14.35 6.26
C GLU A 328 -14.13 -14.66 4.82
N GLU A 329 -14.47 -15.87 4.37
CA GLU A 329 -14.16 -16.32 3.02
C GLU A 329 -15.43 -16.91 2.40
N VAL A 330 -15.94 -16.25 1.36
CA VAL A 330 -17.19 -16.64 0.72
C VAL A 330 -16.89 -17.34 -0.60
N GLU A 331 -17.62 -18.41 -0.87
CA GLU A 331 -17.49 -19.16 -2.11
C GLU A 331 -18.41 -18.57 -3.17
N THR A 332 -17.88 -18.39 -4.38
CA THR A 332 -18.66 -17.87 -5.49
C THR A 332 -18.05 -18.38 -6.79
N VAL A 333 -18.62 -17.95 -7.90
CA VAL A 333 -18.23 -18.41 -9.23
C VAL A 333 -17.63 -17.25 -10.02
N LEU A 334 -16.54 -17.53 -10.74
CA LEU A 334 -15.95 -16.55 -11.63
C LEU A 334 -16.69 -16.53 -12.95
N GLU A 335 -17.04 -15.33 -13.42
CA GLU A 335 -17.82 -15.19 -14.64
C GLU A 335 -16.96 -14.67 -15.79
N SER A 336 -16.65 -13.37 -15.78
CA SER A 336 -15.89 -12.75 -16.85
C SER A 336 -14.61 -12.11 -16.31
N ILE A 337 -13.60 -12.03 -17.16
CA ILE A 337 -12.33 -11.39 -16.83
C ILE A 337 -12.11 -10.26 -17.81
N THR A 338 -12.02 -9.03 -17.30
CA THR A 338 -11.76 -7.86 -18.11
C THR A 338 -10.37 -7.30 -17.79
N VAL A 339 -9.95 -6.34 -18.60
CA VAL A 339 -8.62 -5.74 -18.48
C VAL A 339 -8.75 -4.23 -18.64
N ASN A 340 -8.13 -3.48 -17.74
CA ASN A 340 -8.06 -2.03 -17.81
C ASN A 340 -6.62 -1.61 -18.06
N VAL A 341 -6.46 -0.47 -18.74
CA VAL A 341 -5.15 0.08 -19.03
C VAL A 341 -4.89 1.22 -18.06
N GLY A 342 -3.82 1.10 -17.29
CA GLY A 342 -3.47 2.15 -16.34
C GLY A 342 -2.96 3.39 -17.03
N ARG A 343 -2.92 4.49 -16.26
CA ARG A 343 -2.43 5.76 -16.80
C ARG A 343 -0.99 5.64 -17.28
N THR A 344 -0.16 4.92 -16.53
CA THR A 344 1.20 4.64 -17.00
C THR A 344 1.18 3.67 -18.18
N GLY A 345 0.26 2.70 -18.16
CA GLY A 345 0.15 1.74 -19.23
C GLY A 345 -0.03 0.32 -18.74
N LYS A 346 0.02 0.15 -17.42
CA LYS A 346 -0.13 -1.17 -16.81
C LYS A 346 -1.39 -1.86 -17.29
N LEU A 347 -1.22 -3.03 -17.90
CA LEU A 347 -2.34 -3.83 -18.40
C LEU A 347 -2.86 -4.67 -17.24
N ALA A 348 -3.65 -4.04 -16.37
CA ALA A 348 -4.13 -4.69 -15.16
C ALA A 348 -5.44 -5.42 -15.43
N PRO A 349 -5.52 -6.71 -15.12
CA PRO A 349 -6.77 -7.45 -15.29
C PRO A 349 -7.72 -7.23 -14.12
N LEU A 350 -8.94 -7.72 -14.29
CA LEU A 350 -10.00 -7.57 -13.30
C LEU A 350 -10.94 -8.75 -13.43
N ALA A 351 -11.35 -9.31 -12.29
CA ALA A 351 -12.22 -10.48 -12.28
C ALA A 351 -13.64 -10.06 -11.87
N HIS A 352 -14.62 -10.62 -12.58
CA HIS A 352 -16.03 -10.40 -12.27
C HIS A 352 -16.63 -11.70 -11.76
N LEU A 353 -17.33 -11.62 -10.63
CA LEU A 353 -17.90 -12.79 -9.98
C LEU A 353 -19.38 -12.56 -9.72
N SER A 354 -20.08 -13.62 -9.36
CA SER A 354 -21.46 -13.49 -8.94
C SER A 354 -21.52 -12.66 -7.67
N PRO A 355 -22.34 -11.60 -7.63
CA PRO A 355 -22.34 -10.72 -6.45
C PRO A 355 -22.73 -11.46 -5.18
N ARG A 356 -21.81 -11.50 -4.23
CA ARG A 356 -22.01 -12.14 -2.94
C ARG A 356 -21.74 -11.14 -1.83
N LEU A 357 -22.40 -11.35 -0.70
CA LEU A 357 -22.27 -10.47 0.45
C LEU A 357 -21.12 -10.94 1.33
N ILE A 358 -20.18 -10.03 1.62
CA ILE A 358 -19.08 -10.28 2.54
C ILE A 358 -19.17 -9.26 3.66
N GLU A 359 -19.32 -9.75 4.89
CA GLU A 359 -19.53 -8.90 6.07
C GLU A 359 -20.76 -8.02 5.89
N GLY A 360 -20.65 -6.99 5.06
CA GLY A 360 -21.78 -6.09 4.83
C GLY A 360 -21.98 -5.76 3.36
N SER A 361 -20.92 -5.34 2.69
CA SER A 361 -21.02 -4.95 1.29
C SER A 361 -21.10 -6.18 0.39
N THR A 362 -21.64 -5.99 -0.81
CA THR A 362 -21.78 -7.04 -1.81
C THR A 362 -20.62 -6.92 -2.79
N VAL A 363 -19.71 -7.88 -2.76
CA VAL A 363 -18.52 -7.87 -3.61
C VAL A 363 -18.84 -8.60 -4.90
N SER A 364 -18.53 -7.97 -6.04
CA SER A 364 -18.71 -8.58 -7.34
C SER A 364 -17.48 -8.47 -8.25
N LYS A 365 -16.51 -7.64 -7.90
CA LYS A 365 -15.29 -7.47 -8.68
C LYS A 365 -14.10 -7.68 -7.78
N ALA A 366 -13.12 -8.45 -8.25
CA ALA A 366 -11.95 -8.82 -7.46
C ALA A 366 -10.68 -8.45 -8.20
N THR A 367 -9.67 -8.01 -7.44
CA THR A 367 -8.39 -7.65 -8.02
C THR A 367 -7.67 -8.88 -8.57
N LEU A 368 -7.18 -8.78 -9.81
CA LEU A 368 -6.54 -9.92 -10.47
C LEU A 368 -5.05 -9.73 -10.71
N HIS A 369 -4.50 -8.56 -10.37
CA HIS A 369 -3.06 -8.33 -10.30
C HIS A 369 -2.38 -8.39 -11.66
N ASN A 370 -1.78 -9.52 -12.02
CA ASN A 370 -1.00 -9.62 -13.25
C ASN A 370 -1.21 -10.99 -13.90
N GLU A 371 -0.50 -11.21 -15.01
CA GLU A 371 -0.66 -12.45 -15.76
C GLU A 371 -0.18 -13.67 -14.97
N ASP A 372 1.05 -13.60 -14.44
CA ASP A 372 1.60 -14.75 -13.73
C ASP A 372 0.78 -15.08 -12.49
N TYR A 373 0.09 -14.10 -11.92
CA TYR A 373 -0.81 -14.39 -10.80
C TYR A 373 -1.95 -15.30 -11.25
N ILE A 374 -2.50 -15.06 -12.43
CA ILE A 374 -3.55 -15.91 -12.97
C ILE A 374 -2.99 -17.29 -13.31
N ARG A 375 -1.82 -17.32 -13.95
CA ARG A 375 -1.27 -18.59 -14.40
C ARG A 375 -0.84 -19.46 -13.24
N ASP A 376 -0.32 -18.86 -12.16
CA ASP A 376 0.05 -19.64 -10.99
C ASP A 376 -1.18 -20.17 -10.27
N MET A 377 -2.23 -19.35 -10.16
CA MET A 377 -3.47 -19.78 -9.51
C MET A 377 -4.30 -20.72 -10.37
N ASP A 378 -3.96 -20.88 -11.64
CA ASP A 378 -4.71 -21.71 -12.58
C ASP A 378 -6.18 -21.30 -12.61
N LEU A 379 -6.40 -20.03 -12.96
CA LEU A 379 -7.74 -19.44 -12.91
C LEU A 379 -8.36 -19.45 -14.30
N ARG A 380 -8.77 -20.64 -14.72
CA ARG A 380 -9.50 -20.76 -15.98
C ARG A 380 -10.83 -20.03 -15.88
N VAL A 381 -11.16 -19.26 -16.91
CA VAL A 381 -12.37 -18.44 -16.87
C VAL A 381 -13.59 -19.34 -16.77
N GLY A 382 -14.41 -19.10 -15.75
CA GLY A 382 -15.58 -19.91 -15.49
C GLY A 382 -15.49 -20.79 -14.26
N ASP A 383 -14.37 -20.77 -13.53
CA ASP A 383 -14.21 -21.61 -12.37
C ASP A 383 -14.99 -21.07 -11.17
N THR A 384 -15.25 -21.95 -10.21
CA THR A 384 -15.82 -21.58 -8.93
C THR A 384 -14.68 -21.43 -7.92
N VAL A 385 -14.66 -20.28 -7.22
CA VAL A 385 -13.49 -19.91 -6.43
C VAL A 385 -13.92 -19.43 -5.06
N LEU A 386 -12.95 -19.38 -4.15
CA LEU A 386 -13.09 -18.78 -2.83
C LEU A 386 -12.53 -17.36 -2.87
N VAL A 387 -13.13 -16.48 -2.08
CA VAL A 387 -12.76 -15.06 -2.10
C VAL A 387 -12.95 -14.48 -0.71
N ARG A 388 -12.11 -13.51 -0.38
CA ARG A 388 -12.20 -12.76 0.87
C ARG A 388 -11.87 -11.31 0.56
N LYS A 389 -11.57 -10.52 1.60
CA LYS A 389 -11.13 -9.15 1.45
C LYS A 389 -9.88 -8.92 2.29
N SER A 390 -8.82 -8.43 1.66
CA SER A 390 -7.53 -8.26 2.32
C SER A 390 -7.63 -7.16 3.38
N GLY A 391 -7.45 -7.54 4.63
CA GLY A 391 -7.67 -6.63 5.75
C GLY A 391 -9.10 -6.17 5.91
N GLY A 392 -10.06 -6.83 5.28
CA GLY A 392 -11.43 -6.40 5.34
C GLY A 392 -11.80 -5.30 4.36
N VAL A 393 -10.98 -5.08 3.33
CA VAL A 393 -11.23 -4.01 2.37
C VAL A 393 -11.08 -4.50 0.95
N ILE A 394 -9.84 -4.74 0.52
CA ILE A 394 -9.52 -5.03 -0.87
C ILE A 394 -9.98 -6.43 -1.24
N PRO A 395 -10.90 -6.58 -2.19
CA PRO A 395 -11.35 -7.93 -2.58
C PRO A 395 -10.34 -8.65 -3.45
N GLN A 396 -9.62 -9.60 -2.86
CA GLN A 396 -8.70 -10.46 -3.61
C GLN A 396 -9.19 -11.89 -3.54
N ILE A 397 -8.80 -12.68 -4.55
CA ILE A 397 -9.27 -14.05 -4.67
C ILE A 397 -8.45 -14.96 -3.76
N MET A 398 -8.93 -16.19 -3.54
CA MET A 398 -8.24 -17.15 -2.70
C MET A 398 -7.64 -18.28 -3.55
N ARG A 399 -8.46 -19.20 -4.03
CA ARG A 399 -7.98 -20.34 -4.79
C ARG A 399 -9.13 -20.89 -5.64
N VAL A 400 -8.85 -21.98 -6.34
CA VAL A 400 -9.82 -22.58 -7.23
C VAL A 400 -10.45 -23.80 -6.57
N LEU A 401 -11.58 -24.24 -7.10
CA LEU A 401 -12.29 -25.43 -6.63
C LEU A 401 -12.34 -26.46 -7.75
N PRO A 402 -11.42 -27.44 -7.76
CA PRO A 402 -11.43 -28.41 -8.87
C PRO A 402 -12.64 -29.31 -8.88
N ASP A 403 -13.23 -29.59 -7.72
CA ASP A 403 -14.42 -30.47 -7.69
C ASP A 403 -15.58 -29.86 -8.45
N LYS A 404 -15.66 -28.53 -8.51
CA LYS A 404 -16.74 -27.83 -9.17
C LYS A 404 -16.25 -27.06 -10.40
N ARG A 405 -15.40 -27.70 -11.20
CA ARG A 405 -15.00 -27.04 -12.42
C ARG A 405 -15.78 -27.61 -13.60
N PRO A 406 -16.11 -26.78 -14.60
CA PRO A 406 -16.70 -27.31 -15.83
C PRO A 406 -15.62 -27.89 -16.74
N ALA A 407 -15.98 -29.00 -17.40
CA ALA A 407 -15.01 -29.70 -18.24
C ALA A 407 -14.58 -28.87 -19.44
N ASP A 408 -15.44 -27.97 -19.91
CA ASP A 408 -15.13 -27.13 -21.06
C ASP A 408 -14.41 -25.85 -20.69
N ALA A 409 -14.08 -25.65 -19.42
CA ALA A 409 -13.39 -24.43 -19.00
C ALA A 409 -11.95 -24.44 -19.51
N ALA A 410 -11.64 -23.51 -20.40
CA ALA A 410 -10.31 -23.42 -20.98
C ALA A 410 -9.47 -22.39 -20.23
N PRO A 411 -8.15 -22.57 -20.18
CA PRO A 411 -7.29 -21.56 -19.55
C PRO A 411 -7.41 -20.23 -20.27
N PHE A 412 -7.32 -19.15 -19.49
CA PHE A 412 -7.52 -17.80 -20.01
C PHE A 412 -6.37 -17.42 -20.92
N GLU A 413 -6.64 -17.36 -22.23
CA GLU A 413 -5.65 -16.89 -23.21
C GLU A 413 -5.43 -15.39 -22.98
N PHE A 414 -4.30 -15.06 -22.36
CA PHE A 414 -4.04 -13.68 -21.97
C PHE A 414 -3.96 -12.78 -23.20
N PRO A 415 -4.48 -11.56 -23.15
CA PRO A 415 -4.46 -10.70 -24.33
C PRO A 415 -3.05 -10.29 -24.71
N THR A 416 -2.79 -10.27 -26.03
CA THR A 416 -1.50 -9.91 -26.57
C THR A 416 -1.43 -8.47 -27.06
N HIS A 417 -2.58 -7.86 -27.38
CA HIS A 417 -2.63 -6.48 -27.82
C HIS A 417 -3.43 -5.64 -26.83
N CYS A 418 -3.23 -4.33 -26.90
CA CYS A 418 -3.92 -3.42 -25.98
C CYS A 418 -5.42 -3.44 -26.27
N PRO A 419 -6.27 -3.53 -25.25
CA PRO A 419 -7.70 -3.66 -25.49
C PRO A 419 -8.39 -2.36 -25.90
N VAL A 420 -7.82 -1.22 -25.50
CA VAL A 420 -8.47 0.07 -25.73
C VAL A 420 -7.82 0.87 -26.85
N CYS A 421 -6.63 0.48 -27.30
CA CYS A 421 -5.97 1.18 -28.41
C CYS A 421 -5.68 0.27 -29.60
N GLY A 422 -5.44 -1.02 -29.38
CA GLY A 422 -5.22 -1.97 -30.44
C GLY A 422 -3.77 -2.31 -30.72
N HIS A 423 -2.84 -1.43 -30.34
CA HIS A 423 -1.42 -1.66 -30.61
C HIS A 423 -0.91 -2.85 -29.80
N GLU A 424 0.30 -3.30 -30.15
CA GLU A 424 0.92 -4.44 -29.49
C GLU A 424 1.11 -4.17 -28.01
N ALA A 425 1.21 -5.24 -27.23
CA ALA A 425 1.42 -5.15 -25.78
C ALA A 425 2.31 -6.30 -25.36
N VAL A 426 3.58 -5.99 -25.07
CA VAL A 426 4.57 -6.99 -24.70
C VAL A 426 5.24 -6.58 -23.40
N ARG A 427 5.68 -7.57 -22.64
CA ARG A 427 6.33 -7.35 -21.36
C ARG A 427 7.79 -7.78 -21.42
N ALA A 428 8.55 -7.41 -20.39
CA ALA A 428 9.99 -7.61 -20.38
C ALA A 428 10.34 -9.03 -19.94
N GLU A 429 11.63 -9.27 -19.71
CA GLU A 429 12.09 -10.62 -19.36
C GLU A 429 11.63 -11.03 -17.97
N GLY A 430 11.74 -10.12 -17.00
CA GLY A 430 11.42 -10.46 -15.63
C GLY A 430 10.21 -9.73 -15.07
N ASP A 431 9.86 -8.58 -15.65
CA ASP A 431 8.75 -7.80 -15.14
C ASP A 431 7.44 -8.55 -15.31
N ALA A 432 6.62 -8.55 -14.25
CA ALA A 432 5.34 -9.26 -14.28
C ALA A 432 4.26 -8.47 -15.00
N ASN A 433 4.34 -7.14 -14.97
CA ASN A 433 3.35 -6.31 -15.65
C ASN A 433 3.56 -6.40 -17.16
N THR A 434 2.53 -6.01 -17.90
CA THR A 434 2.51 -6.14 -19.36
C THR A 434 2.72 -4.83 -20.09
N TYR A 435 2.09 -3.74 -19.63
CA TYR A 435 2.28 -2.40 -20.16
C TYR A 435 1.77 -2.24 -21.59
N CYS A 436 1.91 -1.04 -22.15
CA CYS A 436 1.35 -0.62 -23.42
C CYS A 436 2.32 0.37 -24.04
N PRO A 437 2.39 0.45 -25.38
CA PRO A 437 3.43 1.28 -26.02
C PRO A 437 3.32 2.77 -25.76
N ASN A 438 2.70 3.52 -26.68
CA ASN A 438 2.76 4.98 -26.60
C ASN A 438 1.36 5.61 -26.67
N PRO A 439 1.15 6.85 -27.20
CA PRO A 439 0.12 7.69 -26.58
C PRO A 439 -1.31 7.50 -27.10
N ALA A 440 -1.47 6.84 -28.26
CA ALA A 440 -2.79 6.68 -28.85
C ALA A 440 -3.78 6.06 -27.88
N CYS A 441 -3.29 5.23 -26.97
CA CYS A 441 -4.03 4.68 -25.85
C CYS A 441 -4.60 5.84 -25.04
N PRO A 442 -5.93 6.03 -25.05
CA PRO A 442 -6.50 7.17 -24.30
C PRO A 442 -6.27 7.09 -22.81
N ALA A 443 -5.95 5.91 -22.27
CA ALA A 443 -5.64 5.81 -20.85
C ALA A 443 -4.31 6.47 -20.51
N GLN A 444 -3.41 6.59 -21.50
CA GLN A 444 -2.11 7.21 -21.28
C GLN A 444 -2.02 8.63 -21.78
N SER A 445 -2.90 9.03 -22.71
CA SER A 445 -2.77 10.31 -23.41
C SER A 445 -2.56 11.47 -22.42
N PHE A 446 -3.50 11.66 -21.49
CA PHE A 446 -3.40 12.77 -20.56
C PHE A 446 -2.14 12.67 -19.71
N GLU A 447 -1.82 11.46 -19.23
CA GLU A 447 -0.65 11.30 -18.38
C GLU A 447 0.64 11.55 -19.15
N ARG A 448 0.68 11.13 -20.41
CA ARG A 448 1.88 11.34 -21.22
C ARG A 448 2.09 12.82 -21.53
N ILE A 449 1.01 13.56 -21.74
CA ILE A 449 1.13 14.98 -22.09
C ILE A 449 1.64 15.77 -20.90
N ARG A 450 1.05 15.56 -19.72
CA ARG A 450 1.47 16.34 -18.55
C ARG A 450 2.85 15.94 -18.06
N TYR A 451 3.25 14.69 -18.31
CA TYR A 451 4.61 14.28 -17.96
C TYR A 451 5.62 14.89 -18.92
N PHE A 452 5.26 14.97 -20.21
CA PHE A 452 6.08 15.64 -21.20
C PHE A 452 6.35 17.10 -20.86
N VAL A 453 5.49 17.71 -20.05
CA VAL A 453 5.54 19.15 -19.82
C VAL A 453 6.32 19.51 -18.54
N SER A 454 6.33 18.61 -17.55
CA SER A 454 6.85 18.91 -16.22
C SER A 454 8.33 19.32 -16.19
N ARG A 455 8.80 19.71 -15.01
CA ARG A 455 10.20 20.10 -14.83
C ARG A 455 11.15 18.96 -15.15
N GLY A 456 10.76 17.73 -14.81
CA GLY A 456 11.57 16.58 -15.14
C GLY A 456 11.64 16.25 -16.62
N ALA A 457 10.97 17.00 -17.49
CA ALA A 457 11.02 16.75 -18.93
C ALA A 457 11.48 17.96 -19.73
N MET A 458 10.51 18.65 -20.35
CA MET A 458 10.73 19.68 -21.34
C MET A 458 10.55 21.09 -20.78
N ASP A 459 10.19 21.21 -19.49
CA ASP A 459 10.03 22.51 -18.85
C ASP A 459 9.11 23.41 -19.64
N VAL A 460 7.79 23.18 -19.56
CA VAL A 460 6.83 24.02 -20.25
C VAL A 460 5.83 24.58 -19.24
N ARG A 461 6.27 25.55 -18.46
CA ARG A 461 5.38 26.16 -17.47
C ARG A 461 4.26 26.93 -18.16
N GLY A 462 3.05 26.77 -17.65
CA GLY A 462 1.89 27.40 -18.24
C GLY A 462 0.83 26.39 -18.64
N ILE A 463 1.25 25.25 -19.15
CA ILE A 463 0.35 24.18 -19.55
C ILE A 463 0.08 23.32 -18.32
N GLY A 464 -1.14 23.42 -17.77
CA GLY A 464 -1.51 22.71 -16.58
C GLY A 464 -2.55 21.63 -16.83
N GLU A 465 -2.92 20.95 -15.75
CA GLU A 465 -3.87 19.84 -15.84
C GLU A 465 -5.21 20.32 -16.36
N LYS A 466 -5.62 21.53 -15.97
CA LYS A 466 -6.90 22.09 -16.40
C LYS A 466 -6.89 22.48 -17.87
N LEU A 467 -5.71 22.76 -18.44
CA LEU A 467 -5.59 23.14 -19.83
C LEU A 467 -5.47 21.92 -20.74
N VAL A 468 -4.72 20.90 -20.31
CA VAL A 468 -4.57 19.70 -21.12
C VAL A 468 -5.90 18.99 -21.28
N THR A 469 -6.70 18.94 -20.20
CA THR A 469 -8.00 18.27 -20.28
C THR A 469 -8.89 18.93 -21.31
N GLN A 470 -8.81 20.26 -21.44
CA GLN A 470 -9.62 20.95 -22.45
C GLN A 470 -9.14 20.63 -23.86
N LEU A 471 -7.83 20.58 -24.06
CA LEU A 471 -7.30 20.25 -25.39
C LEU A 471 -7.71 18.85 -25.84
N LEU A 472 -8.02 17.95 -24.90
CA LEU A 472 -8.51 16.63 -25.24
C LEU A 472 -10.04 16.59 -25.40
N HIS A 473 -10.75 17.36 -24.58
CA HIS A 473 -12.20 17.46 -24.73
C HIS A 473 -12.56 18.04 -26.09
N GLU A 474 -11.84 19.07 -26.53
CA GLU A 474 -12.05 19.63 -27.85
C GLU A 474 -11.35 18.82 -28.93
N GLY A 475 -10.32 18.06 -28.58
CA GLY A 475 -9.66 17.19 -29.54
C GLY A 475 -8.73 17.89 -30.50
N LEU A 476 -7.96 18.87 -30.02
CA LEU A 476 -7.01 19.57 -30.87
C LEU A 476 -5.66 18.87 -30.91
N ILE A 477 -5.26 18.20 -29.84
CA ILE A 477 -3.99 17.50 -29.77
C ILE A 477 -4.24 16.01 -29.68
N HIS A 478 -3.36 15.24 -30.31
CA HIS A 478 -3.39 13.78 -30.23
C HIS A 478 -2.32 13.27 -29.26
N ASP A 479 -1.06 13.51 -29.60
CA ASP A 479 0.07 13.25 -28.72
C ASP A 479 0.73 14.58 -28.35
N ALA A 480 1.94 14.51 -27.81
CA ALA A 480 2.63 15.73 -27.39
C ALA A 480 3.00 16.63 -28.55
N ALA A 481 3.12 16.08 -29.76
CA ALA A 481 3.48 16.89 -30.92
C ALA A 481 2.36 17.83 -31.34
N GLY A 482 1.11 17.53 -30.98
CA GLY A 482 0.01 18.41 -31.31
C GLY A 482 0.11 19.78 -30.65
N LEU A 483 0.89 19.89 -29.57
CA LEU A 483 1.04 21.17 -28.90
C LEU A 483 1.81 22.16 -29.77
N TYR A 484 2.91 21.70 -30.38
CA TYR A 484 3.73 22.58 -31.22
C TYR A 484 3.01 23.01 -32.49
N THR A 485 2.03 22.24 -32.94
CA THR A 485 1.27 22.58 -34.14
C THR A 485 0.13 23.55 -33.85
N LEU A 486 -0.12 23.88 -32.58
CA LEU A 486 -1.16 24.83 -32.25
C LEU A 486 -0.75 26.25 -32.65
N SER A 487 -1.74 27.13 -32.69
CA SER A 487 -1.52 28.54 -33.02
C SER A 487 -1.83 29.41 -31.82
N ALA A 488 -1.46 30.69 -31.94
CA ALA A 488 -1.74 31.64 -30.87
C ALA A 488 -3.23 31.85 -30.69
N GLU A 489 -4.00 31.80 -31.78
CA GLU A 489 -5.45 32.00 -31.69
C GLU A 489 -6.15 30.79 -31.11
N GLN A 490 -5.58 29.59 -31.26
CA GLN A 490 -6.20 28.40 -30.68
C GLN A 490 -6.10 28.40 -29.16
N LEU A 491 -5.02 28.95 -28.61
CA LEU A 491 -4.87 29.02 -27.16
C LEU A 491 -5.47 30.30 -26.58
N ALA A 492 -5.41 31.41 -27.32
CA ALA A 492 -6.06 32.63 -26.85
C ALA A 492 -7.57 32.55 -26.98
N GLY A 493 -8.07 31.82 -27.98
CA GLY A 493 -9.50 31.65 -28.15
C GLY A 493 -10.05 30.54 -27.27
N LEU A 494 -9.84 30.65 -25.96
CA LEU A 494 -10.31 29.65 -25.01
C LEU A 494 -11.04 30.30 -23.84
N GLU A 495 -10.83 29.76 -22.64
CA GLU A 495 -11.51 30.26 -21.46
C GLU A 495 -10.77 31.45 -20.86
N ARG A 496 -11.54 32.38 -20.30
CA ARG A 496 -11.07 33.61 -19.67
C ARG A 496 -10.33 34.54 -20.63
N GLY A 497 -10.29 34.21 -21.92
CA GLY A 497 -9.67 35.05 -22.92
C GLY A 497 -8.23 35.42 -22.63
N GLY A 498 -7.39 34.41 -22.34
CA GLY A 498 -6.01 34.66 -22.02
C GLY A 498 -5.11 34.79 -23.23
N GLU A 499 -4.72 36.02 -23.56
CA GLU A 499 -3.86 36.28 -24.71
C GLU A 499 -2.39 36.29 -24.32
N LYS A 500 -2.03 37.02 -23.27
CA LYS A 500 -0.63 37.12 -22.88
C LYS A 500 -0.12 35.82 -22.26
N LYS A 501 -0.99 35.08 -21.56
CA LYS A 501 -0.56 33.80 -21.01
C LYS A 501 -0.42 32.76 -22.11
N ALA A 502 -1.18 32.90 -23.20
CA ALA A 502 -0.94 32.06 -24.36
C ALA A 502 0.38 32.38 -25.02
N GLY A 503 0.84 33.63 -24.91
CA GLY A 503 2.16 33.97 -25.42
C GLY A 503 3.27 33.38 -24.58
N ASN A 504 3.10 33.36 -23.26
CA ASN A 504 4.09 32.70 -22.40
C ASN A 504 4.09 31.20 -22.62
N ILE A 505 2.91 30.61 -22.85
CA ILE A 505 2.83 29.18 -23.11
C ILE A 505 3.48 28.84 -24.45
N LEU A 506 3.31 29.70 -25.45
CA LEU A 506 3.92 29.46 -26.75
C LEU A 506 5.44 29.60 -26.69
N GLY A 507 5.93 30.57 -25.91
CA GLY A 507 7.37 30.77 -25.82
C GLY A 507 8.10 29.59 -25.22
N GLN A 508 7.47 28.91 -24.26
CA GLN A 508 8.07 27.72 -23.67
C GLN A 508 8.20 26.58 -24.66
N LEU A 509 7.41 26.59 -25.74
CA LEU A 509 7.47 25.53 -26.73
C LEU A 509 8.75 25.60 -27.55
N GLU A 510 8.98 26.75 -28.22
CA GLU A 510 10.16 26.89 -29.04
C GLU A 510 11.43 26.92 -28.19
N ALA A 511 11.32 27.38 -26.93
CA ALA A 511 12.46 27.30 -26.03
C ALA A 511 12.74 25.85 -25.63
N SER A 512 11.73 24.99 -25.66
CA SER A 512 11.93 23.58 -25.34
C SER A 512 12.58 22.82 -26.48
N LYS A 513 12.40 23.30 -27.72
CA LYS A 513 12.95 22.59 -28.87
C LYS A 513 14.48 22.53 -28.82
N THR A 514 15.12 23.57 -28.27
CA THR A 514 16.57 23.62 -28.17
C THR A 514 17.07 23.26 -26.78
N LYS A 515 16.42 22.30 -26.13
CA LYS A 515 16.84 21.77 -24.85
C LYS A 515 17.69 20.52 -25.05
N PRO A 516 18.44 20.07 -24.04
CA PRO A 516 19.29 18.88 -24.21
C PRO A 516 18.49 17.64 -24.60
N LEU A 517 19.21 16.66 -25.12
CA LEU A 517 18.60 15.46 -25.68
C LEU A 517 18.04 14.54 -24.60
N TRP A 518 18.70 14.46 -23.44
CA TRP A 518 18.24 13.55 -22.40
C TRP A 518 16.88 13.95 -21.87
N ARG A 519 16.54 15.24 -21.94
CA ARG A 519 15.23 15.69 -21.50
C ARG A 519 14.11 15.28 -22.46
N LEU A 520 14.46 14.73 -23.64
CA LEU A 520 13.45 14.35 -24.61
C LEU A 520 13.01 12.90 -24.46
N ILE A 521 13.96 11.99 -24.26
CA ILE A 521 13.61 10.57 -24.14
C ILE A 521 12.82 10.32 -22.86
N ASN A 522 13.16 11.04 -21.79
CA ASN A 522 12.35 10.94 -20.57
C ASN A 522 10.96 11.51 -20.79
N ALA A 523 10.86 12.59 -21.57
CA ALA A 523 9.56 13.19 -21.86
C ALA A 523 8.65 12.27 -22.66
N LEU A 524 9.23 11.31 -23.40
CA LEU A 524 8.41 10.36 -24.13
C LEU A 524 7.60 9.48 -23.19
N GLY A 525 8.09 9.25 -21.98
CA GLY A 525 7.33 8.54 -20.99
C GLY A 525 7.32 7.04 -21.12
N MET A 526 8.38 6.46 -21.66
CA MET A 526 8.46 5.01 -21.79
C MET A 526 8.48 4.36 -20.41
N SER A 527 8.15 3.07 -20.39
CA SER A 527 8.14 2.31 -19.14
C SER A 527 9.56 2.15 -18.62
N HIS A 528 9.70 2.24 -17.29
CA HIS A 528 10.98 2.10 -16.58
C HIS A 528 11.94 3.23 -16.89
N VAL A 529 11.87 3.80 -18.10
CA VAL A 529 12.76 4.87 -18.51
C VAL A 529 12.47 6.12 -17.69
N GLY A 530 13.24 6.32 -16.63
CA GLY A 530 13.12 7.49 -15.79
C GLY A 530 14.09 8.59 -16.20
N GLN A 531 14.23 9.57 -15.30
CA GLN A 531 15.16 10.67 -15.56
C GLN A 531 16.61 10.17 -15.58
N ARG A 532 16.95 9.21 -14.71
CA ARG A 532 18.31 8.69 -14.68
C ARG A 532 18.57 7.75 -15.85
N ASN A 533 17.59 6.90 -16.20
CA ASN A 533 17.78 5.98 -17.31
C ASN A 533 17.84 6.72 -18.65
N ALA A 534 17.12 7.83 -18.78
CA ALA A 534 17.15 8.59 -20.02
C ALA A 534 18.49 9.29 -20.21
N GLN A 535 19.16 9.67 -19.11
CA GLN A 535 20.48 10.28 -19.22
C GLN A 535 21.53 9.26 -19.65
N ALA A 536 21.47 8.05 -19.07
CA ALA A 536 22.37 6.99 -19.51
C ALA A 536 22.07 6.57 -20.95
N LEU A 537 20.79 6.63 -21.34
CA LEU A 537 20.44 6.37 -22.74
C LEU A 537 20.96 7.45 -23.66
N ALA A 538 21.02 8.70 -23.17
CA ALA A 538 21.56 9.79 -23.99
C ALA A 538 23.07 9.68 -24.13
N ARG A 539 23.77 9.36 -23.05
CA ARG A 539 25.22 9.17 -23.13
C ARG A 539 25.59 7.95 -23.95
N ALA A 540 24.65 7.03 -24.18
CA ALA A 540 24.94 5.84 -24.96
C ALA A 540 25.19 6.18 -26.44
N PHE A 541 24.42 7.13 -26.98
CA PHE A 541 24.51 7.48 -28.38
C PHE A 541 24.88 8.95 -28.58
N GLY A 542 24.12 9.88 -27.99
CA GLY A 542 24.42 11.29 -28.13
C GLY A 542 23.59 11.98 -29.20
N THR A 543 23.41 11.30 -30.34
CA THR A 543 22.63 11.82 -31.44
C THR A 543 21.26 11.14 -31.48
N LEU A 544 20.23 11.92 -31.82
CA LEU A 544 18.88 11.38 -31.85
C LEU A 544 18.73 10.32 -32.93
N GLU A 545 19.40 10.50 -34.07
CA GLU A 545 19.32 9.50 -35.13
C GLU A 545 19.99 8.19 -34.71
N GLY A 546 21.02 8.26 -33.85
CA GLY A 546 21.67 7.05 -33.38
C GLY A 546 20.81 6.21 -32.46
N LEU A 547 19.79 6.81 -31.83
CA LEU A 547 18.90 6.04 -30.98
C LEU A 547 17.82 5.33 -31.80
N LEU A 548 17.23 6.03 -32.76
CA LEU A 548 16.23 5.42 -33.64
C LEU A 548 16.86 4.35 -34.52
N ALA A 549 18.11 4.55 -34.94
CA ALA A 549 18.83 3.60 -35.79
C ALA A 549 19.88 2.90 -34.94
N ALA A 550 19.42 1.89 -34.20
CA ALA A 550 20.32 1.10 -33.36
C ALA A 550 19.66 -0.24 -33.08
N THR A 551 20.40 -1.33 -33.28
CA THR A 551 19.87 -2.66 -33.11
C THR A 551 19.53 -2.91 -31.64
N PRO A 552 18.57 -3.80 -31.36
CA PRO A 552 18.27 -4.12 -29.95
C PRO A 552 19.46 -4.67 -29.19
N GLU A 553 20.42 -5.29 -29.88
CA GLU A 553 21.60 -5.82 -29.21
C GLU A 553 22.52 -4.69 -28.75
N GLN A 554 22.75 -3.69 -29.62
CA GLN A 554 23.65 -2.60 -29.25
C GLN A 554 23.03 -1.62 -28.27
N ILE A 555 21.70 -1.63 -28.10
CA ILE A 555 21.07 -0.81 -27.08
C ILE A 555 20.91 -1.55 -25.76
N GLU A 556 20.91 -2.89 -25.78
CA GLU A 556 20.97 -3.64 -24.53
C GLU A 556 22.37 -3.70 -23.95
N ALA A 557 23.38 -3.30 -24.72
CA ALA A 557 24.76 -3.27 -24.25
C ALA A 557 25.10 -1.98 -23.52
N VAL A 558 24.13 -1.10 -23.30
CA VAL A 558 24.41 0.15 -22.57
C VAL A 558 24.61 -0.15 -21.09
N PRO A 559 25.57 0.47 -20.42
CA PRO A 559 25.66 0.32 -18.97
C PRO A 559 24.49 1.01 -18.28
N GLY A 560 23.92 0.32 -17.30
CA GLY A 560 22.80 0.87 -16.55
C GLY A 560 21.46 0.25 -16.91
N LEU A 561 21.28 -0.08 -18.18
CA LEU A 561 20.04 -0.68 -18.66
C LEU A 561 20.35 -2.08 -19.17
N GLY A 562 19.94 -3.09 -18.40
CA GLY A 562 20.24 -4.47 -18.75
C GLY A 562 19.33 -5.05 -19.81
N GLY A 563 18.56 -6.07 -19.44
CA GLY A 563 17.68 -6.73 -20.37
C GLY A 563 16.22 -6.56 -20.05
N ILE A 564 15.93 -5.75 -19.04
CA ILE A 564 14.55 -5.44 -18.66
C ILE A 564 14.19 -4.00 -18.96
N ILE A 565 15.14 -3.08 -18.78
CA ILE A 565 14.91 -1.68 -19.14
C ILE A 565 15.07 -1.48 -20.64
N ALA A 566 16.18 -1.98 -21.19
CA ALA A 566 16.45 -1.82 -22.62
C ALA A 566 15.45 -2.57 -23.47
N GLN A 567 14.96 -3.73 -22.99
CA GLN A 567 13.94 -4.45 -23.73
C GLN A 567 12.64 -3.66 -23.79
N SER A 568 12.32 -2.93 -22.72
CA SER A 568 11.15 -2.05 -22.72
C SER A 568 11.36 -0.83 -23.59
N VAL A 569 12.62 -0.43 -23.82
CA VAL A 569 12.89 0.71 -24.70
C VAL A 569 12.63 0.34 -26.14
N THR A 570 13.10 -0.84 -26.57
CA THR A 570 12.97 -1.24 -27.96
C THR A 570 11.50 -1.36 -28.37
N ALA A 571 10.66 -1.85 -27.46
CA ALA A 571 9.25 -2.01 -27.77
C ALA A 571 8.57 -0.67 -28.02
N SER A 572 9.09 0.41 -27.43
CA SER A 572 8.52 1.73 -27.65
C SER A 572 8.82 2.22 -29.05
N LEU A 573 10.09 2.22 -29.44
CA LEU A 573 10.47 2.72 -30.76
C LEU A 573 9.91 1.84 -31.87
N ALA A 574 9.72 0.55 -31.61
CA ALA A 574 9.12 -0.34 -32.60
C ALA A 574 7.63 -0.08 -32.82
N ASP A 575 7.00 0.69 -31.93
CA ASP A 575 5.59 1.02 -32.07
C ASP A 575 5.42 2.17 -33.05
N PRO A 576 4.42 2.08 -33.95
CA PRO A 576 4.25 3.15 -34.95
C PRO A 576 3.78 4.47 -34.35
N ALA A 577 3.00 4.45 -33.28
CA ALA A 577 2.55 5.70 -32.67
C ALA A 577 3.70 6.48 -32.05
N MET A 578 4.73 5.77 -31.56
CA MET A 578 5.91 6.47 -31.06
C MET A 578 6.75 7.03 -32.20
N ARG A 579 6.91 6.25 -33.28
CA ARG A 579 7.59 6.77 -34.46
C ARG A 579 6.86 7.98 -35.04
N ASP A 580 5.53 7.96 -34.98
CA ASP A 580 4.76 9.09 -35.50
C ASP A 580 4.88 10.31 -34.59
N LEU A 581 4.87 10.09 -33.27
CA LEU A 581 5.05 11.21 -32.35
C LEU A 581 6.42 11.85 -32.51
N ILE A 582 7.46 11.03 -32.63
CA ILE A 582 8.81 11.56 -32.78
C ILE A 582 8.98 12.24 -34.12
N ALA A 583 8.41 11.67 -35.19
CA ALA A 583 8.49 12.28 -36.50
C ALA A 583 7.79 13.63 -36.53
N ARG A 584 6.57 13.70 -35.98
CA ARG A 584 5.88 14.98 -35.89
C ARG A 584 6.62 15.95 -34.99
N LEU A 585 7.36 15.44 -34.00
CA LEU A 585 8.15 16.29 -33.13
C LEU A 585 9.29 16.95 -33.89
N GLN A 586 10.06 16.14 -34.64
CA GLN A 586 11.14 16.71 -35.44
C GLN A 586 10.59 17.53 -36.61
N ALA A 587 9.40 17.18 -37.11
CA ALA A 587 8.82 17.96 -38.20
C ALA A 587 8.51 19.38 -37.75
N SER A 588 8.07 19.54 -36.50
CA SER A 588 7.88 20.87 -35.93
C SER A 588 9.18 21.60 -35.71
N GLY A 589 10.29 20.88 -35.53
CA GLY A 589 11.58 21.51 -35.40
C GLY A 589 12.27 21.30 -34.07
N VAL A 590 12.46 20.04 -33.68
CA VAL A 590 13.15 19.70 -32.44
C VAL A 590 14.56 19.24 -32.79
N ALA A 591 15.55 20.05 -32.42
CA ALA A 591 16.96 19.71 -32.60
C ALA A 591 17.63 19.84 -31.24
N PRO A 592 17.76 18.73 -30.51
CA PRO A 592 18.26 18.79 -29.14
C PRO A 592 19.72 19.23 -29.08
N GLN A 593 20.15 19.55 -27.86
CA GLN A 593 21.52 19.96 -27.62
C GLN A 593 22.35 18.80 -27.05
MN MN B . -10.16 -8.24 9.93
MN MN C . -6.43 -8.74 8.47
ZN ZN D . -4.94 8.97 5.48
ZN ZN E . -3.12 1.25 -25.50
ZN ZN F . -2.80 3.86 -33.12
ZN ZN G . -13.71 -25.38 20.15
#